data_4QQS
#
_entry.id   4QQS
#
_cell.length_a   44.133
_cell.length_b   73.882
_cell.length_c   87.520
_cell.angle_alpha   90.00
_cell.angle_beta   94.27
_cell.angle_gamma   90.00
#
_symmetry.space_group_name_H-M   'P 1 21 1'
#
loop_
_entity.id
_entity.type
_entity.pdbx_description
1 polymer 'Glycoside hydrolase family 43'
2 non-polymer '4-(2-HYDROXYETHYL)-1-PIPERAZINE ETHANESULFONIC ACID'
3 non-polymer 'SODIUM ION'
4 water water
#
_entity_poly.entity_id   1
_entity_poly.type   'polypeptide(L)'
_entity_poly.pdbx_seq_one_letter_code
;MKDTYTNPVGGITGIGDPYVLKHESRYYLYATSAINRGFKVWESPNLVDWELKGLALDSYYEKNGWGTEDFWAPEVIFYN
NKFYMTYSARDNDGHLKIALASSKSPLGPFKNIKAPLFDRGLSFIDAHIFIDQDGTPYIYYVKDCSENIINGIHISQIYV
QEMSQDLLELKGDPVLAIQPSQDWEGINDAWQWNEGPFVIKHEGKYYMMYSANCYASPDYSIGYAVAETPLGPWIKYSGN
PILSKRMDKGISGPGHNSVTVSPDGSELFVVYHTHTYPDSPGGDRTVNIDRLYFEDGILKVKGPTRSPQPGPRSN
;
_entity_poly.pdbx_strand_id   A,B
#
# COMPACT_ATOMS: atom_id res chain seq x y z
N THR A 4 -22.52 -9.76 -5.15
CA THR A 4 -21.20 -9.19 -4.85
C THR A 4 -20.62 -9.68 -3.53
N TYR A 5 -19.37 -9.31 -3.27
CA TYR A 5 -18.76 -9.50 -1.95
C TYR A 5 -18.02 -8.22 -1.53
N THR A 6 -17.88 -8.03 -0.22
CA THR A 6 -17.06 -6.96 0.32
C THR A 6 -16.16 -7.58 1.38
N ASN A 7 -14.86 -7.40 1.23
CA ASN A 7 -13.93 -7.86 2.23
C ASN A 7 -14.07 -7.05 3.51
N PRO A 8 -13.73 -7.64 4.65
CA PRO A 8 -13.31 -9.04 4.82
C PRO A 8 -14.51 -10.00 4.74
N VAL A 9 -14.40 -11.07 3.97
CA VAL A 9 -15.54 -11.98 3.77
C VAL A 9 -15.72 -12.93 4.94
N GLY A 10 -16.97 -13.06 5.39
CA GLY A 10 -17.32 -14.00 6.42
C GLY A 10 -17.25 -13.46 7.84
N GLY A 11 -16.63 -12.29 8.01
CA GLY A 11 -16.50 -11.71 9.33
C GLY A 11 -15.73 -12.58 10.29
N ILE A 12 -14.75 -13.30 9.76
CA ILE A 12 -13.95 -14.21 10.55
C ILE A 12 -12.75 -13.47 11.09
N THR A 13 -12.70 -13.29 12.41
CA THR A 13 -11.62 -12.59 13.05
C THR A 13 -10.97 -13.49 14.09
N GLY A 14 -9.89 -13.01 14.68
CA GLY A 14 -9.13 -13.78 15.64
C GLY A 14 -8.39 -14.95 15.00
N ILE A 15 -8.04 -14.80 13.72
CA ILE A 15 -7.38 -15.86 13.00
C ILE A 15 -6.08 -15.39 12.38
N GLY A 16 -5.39 -16.31 11.72
CA GLY A 16 -4.35 -15.99 10.77
C GLY A 16 -4.24 -17.13 9.78
N ASP A 17 -3.60 -16.89 8.65
CA ASP A 17 -3.07 -17.94 7.80
C ASP A 17 -4.20 -18.77 7.16
N PRO A 18 -5.07 -18.11 6.41
CA PRO A 18 -6.25 -18.82 5.88
C PRO A 18 -5.95 -19.72 4.70
N TYR A 19 -6.27 -21.00 4.85
CA TYR A 19 -6.04 -21.97 3.79
C TYR A 19 -7.39 -22.49 3.33
N VAL A 20 -7.70 -22.37 2.04
CA VAL A 20 -8.95 -22.87 1.50
C VAL A 20 -8.70 -24.02 0.55
N LEU A 21 -9.44 -25.10 0.77
CA LEU A 21 -9.53 -26.21 -0.16
C LEU A 21 -10.93 -26.30 -0.72
N LYS A 22 -11.01 -26.39 -2.04
CA LYS A 22 -12.27 -26.69 -2.73
C LYS A 22 -12.38 -28.19 -2.94
N HIS A 23 -13.51 -28.77 -2.52
CA HIS A 23 -13.75 -30.19 -2.72
C HIS A 23 -15.23 -30.42 -2.94
N GLU A 24 -15.58 -31.09 -4.06
CA GLU A 24 -16.96 -31.46 -4.36
C GLU A 24 -17.93 -30.28 -4.18
N SER A 25 -17.55 -29.16 -4.77
CA SER A 25 -18.40 -27.96 -4.87
C SER A 25 -18.59 -27.22 -3.54
N ARG A 26 -17.76 -27.54 -2.57
CA ARG A 26 -17.76 -26.84 -1.30
C ARG A 26 -16.34 -26.37 -1.01
N TYR A 27 -16.25 -25.30 -0.24
CA TYR A 27 -14.99 -24.73 0.18
C TYR A 27 -14.83 -24.90 1.67
N TYR A 28 -13.61 -25.26 2.06
CA TYR A 28 -13.25 -25.49 3.45
C TYR A 28 -12.05 -24.62 3.79
N LEU A 29 -12.25 -23.73 4.75
CA LEU A 29 -11.23 -22.83 5.23
C LEU A 29 -10.71 -23.33 6.56
N TYR A 30 -9.40 -23.49 6.66
CA TYR A 30 -8.71 -23.87 7.88
C TYR A 30 -7.76 -22.73 8.20
N ALA A 31 -7.59 -22.38 9.47
CA ALA A 31 -6.77 -21.24 9.83
C ALA A 31 -6.15 -21.41 11.19
N THR A 32 -5.04 -20.71 11.42
CA THR A 32 -4.59 -20.45 12.78
C THR A 32 -5.75 -19.80 13.53
N SER A 33 -6.09 -20.37 14.69
CA SER A 33 -7.36 -20.05 15.31
C SER A 33 -7.25 -20.39 16.79
N ALA A 34 -7.52 -21.65 17.14
CA ALA A 34 -7.42 -22.12 18.52
C ALA A 34 -5.96 -22.46 18.85
N ILE A 35 -5.14 -21.43 19.03
CA ILE A 35 -3.69 -21.60 19.03
C ILE A 35 -3.19 -22.52 20.14
N ASN A 36 -3.96 -22.70 21.20
CA ASN A 36 -3.53 -23.57 22.28
C ASN A 36 -3.90 -25.04 22.04
N ARG A 37 -4.66 -25.32 20.99
CA ARG A 37 -5.36 -26.60 20.89
C ARG A 37 -5.48 -27.24 19.50
N GLY A 38 -5.72 -26.46 18.46
CA GLY A 38 -6.01 -27.06 17.17
C GLY A 38 -6.52 -26.04 16.18
N PHE A 39 -7.29 -26.50 15.20
CA PHE A 39 -7.68 -25.68 14.07
C PHE A 39 -9.15 -25.78 13.78
N LYS A 40 -9.78 -24.62 13.72
CA LYS A 40 -11.14 -24.49 13.25
C LYS A 40 -11.22 -24.63 11.74
N VAL A 41 -12.40 -25.05 11.30
CA VAL A 41 -12.77 -25.12 9.89
C VAL A 41 -14.09 -24.38 9.69
N TRP A 42 -14.15 -23.63 8.58
CA TRP A 42 -15.36 -22.96 8.13
C TRP A 42 -15.70 -23.49 6.74
N GLU A 43 -16.98 -23.50 6.41
CA GLU A 43 -17.44 -24.00 5.13
C GLU A 43 -18.19 -22.91 4.36
N SER A 44 -18.08 -22.91 3.03
CA SER A 44 -18.79 -21.98 2.16
C SER A 44 -19.13 -22.65 0.84
N PRO A 45 -20.24 -22.25 0.21
CA PRO A 45 -20.53 -22.72 -1.15
C PRO A 45 -19.96 -21.77 -2.21
N ASN A 46 -19.53 -20.58 -1.81
CA ASN A 46 -19.30 -19.52 -2.79
C ASN A 46 -18.10 -18.59 -2.51
N LEU A 47 -17.34 -18.89 -1.46
CA LEU A 47 -16.18 -18.11 -1.00
C LEU A 47 -16.53 -16.83 -0.26
N VAL A 48 -17.82 -16.52 -0.18
CA VAL A 48 -18.30 -15.25 0.38
C VAL A 48 -18.99 -15.45 1.73
N ASP A 49 -19.92 -16.39 1.77
CA ASP A 49 -20.68 -16.68 2.98
C ASP A 49 -20.04 -17.87 3.67
N TRP A 50 -19.66 -17.69 4.94
CA TRP A 50 -18.89 -18.69 5.68
C TRP A 50 -19.58 -19.08 6.97
N GLU A 51 -19.55 -20.38 7.28
CA GLU A 51 -20.13 -20.92 8.51
CA GLU A 51 -20.14 -20.89 8.51
C GLU A 51 -19.09 -21.70 9.28
N LEU A 52 -18.92 -21.39 10.55
CA LEU A 52 -17.99 -22.09 11.41
C LEU A 52 -18.50 -23.51 11.68
N LYS A 53 -17.63 -24.50 11.52
CA LYS A 53 -17.98 -25.91 11.69
C LYS A 53 -17.12 -26.67 12.69
N GLY A 54 -16.51 -25.94 13.63
CA GLY A 54 -15.82 -26.55 14.74
C GLY A 54 -14.36 -26.87 14.49
N LEU A 55 -13.78 -27.66 15.38
CA LEU A 55 -12.36 -28.03 15.25
C LEU A 55 -12.20 -29.21 14.32
N ALA A 56 -11.59 -28.97 13.16
CA ALA A 56 -11.23 -30.04 12.24
C ALA A 56 -10.12 -30.92 12.82
N LEU A 57 -9.15 -30.28 13.47
CA LEU A 57 -8.06 -30.96 14.18
C LEU A 57 -8.09 -30.43 15.61
N ASP A 58 -8.21 -31.36 16.54
CA ASP A 58 -8.23 -31.05 17.96
C ASP A 58 -7.13 -31.90 18.57
N SER A 59 -6.10 -31.28 19.12
CA SER A 59 -5.04 -32.04 19.75
C SER A 59 -5.57 -32.80 20.97
N TYR A 60 -6.72 -32.37 21.51
CA TYR A 60 -7.33 -33.05 22.66
C TYR A 60 -8.20 -34.23 22.22
N TYR A 61 -8.43 -34.38 20.92
CA TYR A 61 -9.09 -35.58 20.40
C TYR A 61 -8.33 -36.80 20.86
N GLU A 62 -9.05 -37.86 21.20
CA GLU A 62 -8.42 -39.00 21.87
C GLU A 62 -7.31 -39.65 21.05
N LYS A 63 -7.38 -39.56 19.72
CA LYS A 63 -6.35 -40.17 18.88
C LYS A 63 -5.15 -39.27 18.64
N ASN A 64 -5.17 -38.04 19.16
CA ASN A 64 -4.08 -37.10 18.93
C ASN A 64 -3.24 -36.96 20.20
N GLY A 65 -3.16 -35.79 20.79
CA GLY A 65 -2.40 -35.57 22.00
C GLY A 65 -1.06 -34.88 21.83
N TRP A 66 -0.60 -34.72 20.59
CA TRP A 66 0.70 -34.13 20.32
C TRP A 66 0.60 -32.62 20.19
N GLY A 67 1.61 -31.93 20.69
CA GLY A 67 1.72 -30.48 20.59
C GLY A 67 1.22 -29.84 21.86
N THR A 68 1.95 -28.83 22.33
CA THR A 68 1.64 -28.22 23.63
C THR A 68 0.96 -26.86 23.53
N GLU A 69 1.22 -26.16 22.44
CA GLU A 69 0.78 -24.78 22.23
C GLU A 69 1.27 -24.38 20.85
N ASP A 70 0.92 -23.16 20.45
CA ASP A 70 1.41 -22.58 19.19
C ASP A 70 1.04 -23.45 17.97
N PHE A 71 -0.24 -23.82 17.92
CA PHE A 71 -0.81 -24.54 16.78
C PHE A 71 -1.05 -23.55 15.66
N TRP A 72 -0.24 -23.64 14.59
CA TRP A 72 -0.27 -22.66 13.51
C TRP A 72 -0.40 -23.28 12.13
N ALA A 73 -1.07 -22.51 11.27
CA ALA A 73 -1.01 -22.59 9.81
C ALA A 73 -1.26 -23.97 9.23
N PRO A 74 -2.51 -24.45 9.38
CA PRO A 74 -2.91 -25.74 8.84
C PRO A 74 -3.14 -25.66 7.35
N GLU A 75 -2.80 -26.73 6.63
CA GLU A 75 -3.14 -26.82 5.21
C GLU A 75 -3.63 -28.23 4.94
N VAL A 76 -4.61 -28.33 4.05
CA VAL A 76 -5.27 -29.59 3.77
C VAL A 76 -5.32 -29.88 2.28
N ILE A 77 -4.84 -31.05 1.88
CA ILE A 77 -4.93 -31.51 0.49
C ILE A 77 -5.80 -32.76 0.41
N PHE A 78 -6.35 -32.99 -0.77
CA PHE A 78 -7.05 -34.24 -1.08
C PHE A 78 -6.12 -35.07 -1.96
N TYR A 79 -5.64 -36.19 -1.41
CA TYR A 79 -4.55 -36.98 -2.02
C TYR A 79 -4.80 -38.42 -1.66
N ASN A 80 -4.69 -39.30 -2.66
CA ASN A 80 -4.96 -40.71 -2.47
C ASN A 80 -6.32 -40.93 -1.80
N ASN A 81 -7.30 -40.19 -2.30
CA ASN A 81 -8.70 -40.36 -1.91
C ASN A 81 -8.96 -40.11 -0.43
N LYS A 82 -8.12 -39.30 0.20
CA LYS A 82 -8.44 -38.82 1.55
C LYS A 82 -7.83 -37.45 1.77
N PHE A 83 -8.09 -36.88 2.94
CA PHE A 83 -7.60 -35.55 3.28
C PHE A 83 -6.40 -35.64 4.19
N TYR A 84 -5.35 -34.91 3.84
CA TYR A 84 -4.14 -34.82 4.65
C TYR A 84 -3.96 -33.38 5.10
N MET A 85 -3.73 -33.20 6.39
CA MET A 85 -3.47 -31.91 6.99
C MET A 85 -2.04 -31.85 7.50
N THR A 86 -1.31 -30.82 7.09
CA THR A 86 -0.07 -30.46 7.75
C THR A 86 -0.34 -29.28 8.67
N TYR A 87 0.47 -29.19 9.72
CA TYR A 87 0.39 -28.07 10.65
C TYR A 87 1.66 -28.07 11.47
N SER A 88 1.84 -27.05 12.30
CA SER A 88 2.94 -27.09 13.26
C SER A 88 2.42 -26.75 14.65
N ALA A 89 3.17 -27.22 15.64
CA ALA A 89 2.91 -26.89 17.04
C ALA A 89 4.23 -27.02 17.77
N ARG A 90 4.27 -26.52 19.01
CA ARG A 90 5.44 -26.63 19.85
C ARG A 90 5.45 -27.98 20.57
N ASP A 91 6.57 -28.70 20.46
CA ASP A 91 6.68 -29.99 21.11
C ASP A 91 7.16 -29.78 22.54
N ASN A 92 7.21 -30.87 23.31
CA ASN A 92 7.63 -30.80 24.71
C ASN A 92 9.05 -30.28 24.88
N ASP A 93 9.89 -30.48 23.88
CA ASP A 93 11.27 -30.02 23.92
C ASP A 93 11.43 -28.55 23.57
N GLY A 94 10.31 -27.88 23.30
CA GLY A 94 10.33 -26.45 23.01
C GLY A 94 10.50 -26.06 21.56
N HIS A 95 10.76 -27.02 20.67
CA HIS A 95 10.90 -26.72 19.25
C HIS A 95 9.56 -26.79 18.53
N LEU A 96 9.34 -25.87 17.61
CA LEU A 96 8.18 -25.95 16.70
C LEU A 96 8.45 -27.01 15.65
N LYS A 97 7.50 -27.90 15.41
CA LYS A 97 7.68 -28.98 14.44
C LYS A 97 6.43 -29.14 13.61
N ILE A 98 6.64 -29.59 12.38
CA ILE A 98 5.57 -29.92 11.47
CA ILE A 98 5.57 -29.94 11.46
C ILE A 98 5.04 -31.32 11.79
N ALA A 99 3.72 -31.47 11.67
CA ALA A 99 3.03 -32.75 11.85
C ALA A 99 2.11 -32.99 10.67
N LEU A 100 1.78 -34.27 10.46
CA LEU A 100 0.90 -34.74 9.42
C LEU A 100 -0.25 -35.55 10.02
N ALA A 101 -1.47 -35.21 9.61
CA ALA A 101 -2.69 -35.87 10.06
C ALA A 101 -3.56 -36.18 8.84
N SER A 102 -4.57 -37.02 9.03
CA SER A 102 -5.49 -37.33 7.94
C SER A 102 -6.93 -37.52 8.42
N SER A 103 -7.85 -37.45 7.47
CA SER A 103 -9.27 -37.63 7.74
C SER A 103 -9.96 -38.11 6.48
N LYS A 104 -11.04 -38.85 6.64
CA LYS A 104 -11.86 -39.24 5.51
C LYS A 104 -12.82 -38.11 5.09
N SER A 105 -12.98 -37.11 5.94
CA SER A 105 -13.89 -35.99 5.68
C SER A 105 -13.18 -34.65 5.85
N PRO A 106 -13.55 -33.65 5.04
CA PRO A 106 -12.88 -32.35 5.18
C PRO A 106 -13.17 -31.67 6.52
N LEU A 107 -14.26 -32.03 7.19
CA LEU A 107 -14.59 -31.42 8.48
C LEU A 107 -13.97 -32.16 9.67
N GLY A 108 -13.24 -33.23 9.40
CA GLY A 108 -12.58 -33.98 10.45
C GLY A 108 -13.46 -35.06 11.05
N PRO A 109 -13.03 -35.64 12.19
CA PRO A 109 -11.80 -35.28 12.90
C PRO A 109 -10.55 -35.77 12.19
N PHE A 110 -9.54 -34.90 12.13
CA PHE A 110 -8.24 -35.30 11.64
C PHE A 110 -7.46 -36.00 12.76
N LYS A 111 -6.79 -37.08 12.39
CA LYS A 111 -5.99 -37.86 13.32
C LYS A 111 -4.54 -37.85 12.89
N ASN A 112 -3.63 -37.64 13.84
CA ASN A 112 -2.21 -37.63 13.52
C ASN A 112 -1.78 -38.96 12.94
N ILE A 113 -0.99 -38.89 11.87
CA ILE A 113 -0.34 -40.06 11.32
C ILE A 113 1.18 -40.03 11.48
N LYS A 114 1.80 -38.85 11.49
CA LYS A 114 3.21 -38.74 11.85
C LYS A 114 3.40 -37.36 12.47
N ALA A 115 3.51 -37.35 13.80
CA ALA A 115 3.58 -36.13 14.57
C ALA A 115 4.69 -36.28 15.61
N PRO A 116 5.84 -35.63 15.39
CA PRO A 116 6.18 -34.74 14.28
C PRO A 116 6.48 -35.51 12.99
N LEU A 117 6.33 -34.82 11.87
CA LEU A 117 6.62 -35.41 10.57
C LEU A 117 8.13 -35.60 10.40
N PHE A 118 8.91 -34.63 10.87
CA PHE A 118 10.36 -34.73 10.91
C PHE A 118 10.84 -33.90 12.09
N ASP A 119 12.08 -34.12 12.52
CA ASP A 119 12.58 -33.48 13.73
C ASP A 119 14.09 -33.33 13.59
N ARG A 120 14.56 -32.10 13.58
CA ARG A 120 15.98 -31.79 13.42
C ARG A 120 16.48 -30.89 14.55
N GLY A 121 15.77 -30.87 15.67
CA GLY A 121 16.21 -30.08 16.81
C GLY A 121 16.12 -28.59 16.61
N LEU A 122 15.27 -28.17 15.68
CA LEU A 122 15.06 -26.76 15.36
C LEU A 122 13.58 -26.51 15.13
N SER A 123 13.22 -25.28 14.82
CA SER A 123 11.83 -24.90 14.62
C SER A 123 11.46 -24.78 13.15
N PHE A 124 10.36 -25.45 12.79
CA PHE A 124 9.86 -25.49 11.42
C PHE A 124 8.36 -25.23 11.46
N ILE A 125 7.89 -24.43 10.51
CA ILE A 125 6.48 -24.06 10.41
C ILE A 125 6.07 -23.92 8.95
N ASP A 126 4.77 -23.68 8.73
CA ASP A 126 4.27 -23.26 7.43
C ASP A 126 4.47 -24.28 6.33
N ALA A 127 4.33 -25.56 6.66
CA ALA A 127 4.35 -26.59 5.64
C ALA A 127 3.27 -26.39 4.59
N HIS A 128 3.64 -26.69 3.36
CA HIS A 128 2.76 -26.61 2.21
C HIS A 128 3.13 -27.76 1.28
N ILE A 129 2.20 -28.66 1.04
CA ILE A 129 2.44 -29.78 0.14
C ILE A 129 1.83 -29.46 -1.22
N PHE A 130 2.67 -29.50 -2.23
CA PHE A 130 2.31 -29.29 -3.64
C PHE A 130 2.42 -30.62 -4.36
N ILE A 131 1.33 -31.04 -5.00
CA ILE A 131 1.32 -32.24 -5.81
C ILE A 131 1.41 -31.80 -7.27
N ASP A 132 2.51 -32.14 -7.95
CA ASP A 132 2.70 -31.72 -9.34
C ASP A 132 1.78 -32.52 -10.27
N GLN A 133 1.70 -32.09 -11.51
CA GLN A 133 0.84 -32.71 -12.50
C GLN A 133 1.16 -34.19 -12.67
N ASP A 134 2.43 -34.55 -12.53
CA ASP A 134 2.86 -35.95 -12.66
C ASP A 134 2.64 -36.75 -11.38
N GLY A 135 2.07 -36.12 -10.35
CA GLY A 135 1.75 -36.80 -9.10
C GLY A 135 2.84 -36.79 -8.04
N THR A 136 3.99 -36.19 -8.34
CA THR A 136 5.08 -36.13 -7.37
C THR A 136 4.76 -35.09 -6.29
N PRO A 137 4.87 -35.46 -5.01
CA PRO A 137 4.67 -34.50 -3.92
C PRO A 137 5.95 -33.78 -3.54
N TYR A 138 5.80 -32.50 -3.23
CA TYR A 138 6.86 -31.68 -2.71
C TYR A 138 6.35 -30.92 -1.50
N ILE A 139 7.18 -30.82 -0.46
CA ILE A 139 6.85 -30.03 0.71
C ILE A 139 7.74 -28.80 0.75
N TYR A 140 7.09 -27.65 0.88
CA TYR A 140 7.74 -26.36 1.09
C TYR A 140 7.50 -26.02 2.55
N TYR A 141 8.53 -25.56 3.25
CA TYR A 141 8.38 -25.29 4.66
C TYR A 141 9.39 -24.24 5.11
N VAL A 142 9.16 -23.69 6.29
CA VAL A 142 9.96 -22.61 6.82
C VAL A 142 10.86 -23.11 7.95
N LYS A 143 12.15 -22.82 7.81
CA LYS A 143 13.12 -22.93 8.91
C LYS A 143 13.05 -21.59 9.64
N ASP A 144 12.37 -21.62 10.79
CA ASP A 144 11.87 -20.42 11.43
C ASP A 144 12.96 -19.59 12.11
N CYS A 145 12.84 -18.27 11.96
CA CYS A 145 13.74 -17.29 12.55
C CYS A 145 14.00 -17.46 14.05
N SER A 146 13.06 -18.03 14.80
CA SER A 146 13.24 -18.20 16.24
C SER A 146 14.53 -18.92 16.57
N GLU A 147 14.93 -19.88 15.73
CA GLU A 147 16.12 -20.68 15.98
C GLU A 147 17.06 -20.72 14.79
N ASN A 148 16.93 -19.77 13.88
CA ASN A 148 17.75 -19.74 12.65
C ASN A 148 18.43 -18.40 12.57
N ILE A 149 19.71 -18.35 12.90
CA ILE A 149 20.48 -17.11 12.90
C ILE A 149 21.60 -17.28 11.89
N ILE A 150 21.64 -16.40 10.90
CA ILE A 150 22.66 -16.45 9.86
C ILE A 150 23.27 -15.05 9.75
N ASN A 151 24.58 -14.99 9.98
CA ASN A 151 25.32 -13.73 9.95
C ASN A 151 24.63 -12.65 10.77
N GLY A 152 24.23 -13.06 11.97
CA GLY A 152 23.65 -12.16 12.94
C GLY A 152 22.17 -11.87 12.81
N ILE A 153 21.54 -12.36 11.74
CA ILE A 153 20.14 -12.08 11.46
C ILE A 153 19.29 -13.28 11.86
N HIS A 154 18.22 -13.05 12.62
CA HIS A 154 17.22 -14.10 12.84
C HIS A 154 16.36 -14.14 11.59
N ILE A 155 16.42 -15.24 10.86
CA ILE A 155 15.89 -15.26 9.50
C ILE A 155 15.06 -16.50 9.22
N SER A 156 13.85 -16.28 8.72
CA SER A 156 13.01 -17.37 8.24
C SER A 156 13.27 -17.61 6.76
N GLN A 157 13.66 -18.84 6.45
CA GLN A 157 13.97 -19.29 5.09
C GLN A 157 12.98 -20.36 4.66
N ILE A 158 12.64 -20.39 3.37
CA ILE A 158 11.81 -21.44 2.83
C ILE A 158 12.66 -22.48 2.12
N TYR A 159 12.49 -23.73 2.56
CA TYR A 159 13.13 -24.90 1.97
C TYR A 159 12.08 -25.73 1.25
N VAL A 160 12.57 -26.59 0.36
CA VAL A 160 11.73 -27.57 -0.32
C VAL A 160 12.42 -28.92 -0.35
N GLN A 161 11.62 -29.96 -0.19
CA GLN A 161 12.05 -31.33 -0.50
C GLN A 161 10.94 -32.08 -1.20
N GLU A 162 11.34 -32.94 -2.11
CA GLU A 162 10.42 -33.95 -2.65
C GLU A 162 10.06 -34.89 -1.51
N MET A 163 8.82 -35.38 -1.50
CA MET A 163 8.41 -36.36 -0.51
C MET A 163 8.29 -37.73 -1.12
N SER A 164 8.33 -38.74 -0.25
CA SER A 164 7.95 -40.07 -0.66
C SER A 164 6.47 -40.05 -1.05
N GLN A 165 6.07 -41.08 -1.77
CA GLN A 165 4.69 -41.18 -2.24
C GLN A 165 3.70 -41.23 -1.09
N ASP A 166 4.11 -41.79 0.05
CA ASP A 166 3.22 -41.88 1.22
C ASP A 166 3.25 -40.65 2.12
N LEU A 167 4.00 -39.63 1.70
CA LEU A 167 4.15 -38.38 2.44
C LEU A 167 4.86 -38.49 3.79
N LEU A 168 5.47 -39.65 4.09
CA LEU A 168 6.10 -39.86 5.39
C LEU A 168 7.60 -39.56 5.45
N GLU A 169 8.25 -39.41 4.29
CA GLU A 169 9.68 -39.14 4.25
C GLU A 169 9.93 -37.93 3.39
N LEU A 170 10.88 -37.11 3.81
CA LEU A 170 11.36 -36.01 3.00
C LEU A 170 12.66 -36.49 2.36
N LYS A 171 12.67 -36.55 1.03
CA LYS A 171 13.78 -37.17 0.30
C LYS A 171 15.00 -36.27 0.27
N GLY A 172 16.18 -36.88 0.38
CA GLY A 172 17.42 -36.20 0.16
C GLY A 172 17.68 -35.07 1.13
N ASP A 173 18.49 -34.12 0.70
CA ASP A 173 18.85 -32.98 1.52
C ASP A 173 17.84 -31.87 1.33
N PRO A 174 17.63 -31.04 2.35
CA PRO A 174 16.80 -29.85 2.15
C PRO A 174 17.41 -28.93 1.10
N VAL A 175 16.56 -28.39 0.23
CA VAL A 175 17.00 -27.45 -0.77
C VAL A 175 16.48 -26.07 -0.38
N LEU A 176 17.38 -25.10 -0.18
CA LEU A 176 16.94 -23.73 0.06
C LEU A 176 16.21 -23.22 -1.18
N ALA A 177 14.99 -22.74 -1.00
CA ALA A 177 14.22 -22.17 -2.09
C ALA A 177 14.43 -20.66 -2.13
N ILE A 178 13.99 -19.95 -1.09
CA ILE A 178 14.13 -18.50 -1.02
C ILE A 178 14.37 -18.07 0.42
N GLN A 179 15.03 -16.93 0.57
CA GLN A 179 15.20 -16.28 1.85
C GLN A 179 15.19 -14.78 1.60
N PRO A 180 14.93 -13.96 2.62
CA PRO A 180 14.91 -12.52 2.42
C PRO A 180 16.11 -12.02 1.64
N SER A 181 15.82 -11.25 0.59
CA SER A 181 16.86 -10.87 -0.37
C SER A 181 16.53 -9.56 -1.10
N GLN A 182 15.27 -9.26 -1.32
CA GLN A 182 14.87 -8.04 -2.04
C GLN A 182 14.64 -6.90 -1.06
N ASP A 183 14.82 -5.68 -1.54
CA ASP A 183 14.69 -4.51 -0.67
C ASP A 183 13.36 -4.45 0.06
N TRP A 184 12.25 -4.81 -0.60
CA TRP A 184 10.95 -4.71 0.04
C TRP A 184 10.77 -5.65 1.24
N GLU A 185 11.69 -6.61 1.39
CA GLU A 185 11.58 -7.67 2.39
C GLU A 185 12.31 -7.37 3.69
N GLY A 186 12.65 -6.11 3.94
CA GLY A 186 13.20 -5.74 5.23
C GLY A 186 14.59 -6.28 5.49
N ILE A 187 15.43 -6.21 4.47
CA ILE A 187 16.73 -6.84 4.53
C ILE A 187 17.77 -6.07 5.35
N ASN A 188 17.40 -4.94 5.93
CA ASN A 188 18.25 -4.23 6.88
C ASN A 188 17.79 -4.38 8.33
N ASP A 189 16.81 -5.25 8.56
CA ASP A 189 16.25 -5.51 9.88
C ASP A 189 16.99 -6.67 10.60
N ALA A 190 16.90 -6.68 11.92
CA ALA A 190 17.53 -7.74 12.72
C ALA A 190 16.80 -9.09 12.63
N TRP A 191 15.50 -9.01 12.32
CA TRP A 191 14.64 -10.17 12.11
C TRP A 191 14.09 -10.02 10.70
N GLN A 192 14.11 -11.11 9.94
CA GLN A 192 13.69 -11.07 8.53
C GLN A 192 12.93 -12.35 8.20
N TRP A 193 11.90 -12.22 7.38
CA TRP A 193 11.03 -13.35 7.06
C TRP A 193 10.75 -13.53 5.59
N ASN A 194 10.86 -14.79 5.14
CA ASN A 194 10.07 -15.30 4.02
C ASN A 194 9.31 -16.49 4.59
N GLU A 195 7.99 -16.43 4.52
CA GLU A 195 7.18 -17.49 5.12
C GLU A 195 5.89 -17.69 4.33
N GLY A 196 5.07 -18.62 4.78
CA GLY A 196 3.82 -18.85 4.10
C GLY A 196 3.86 -19.19 2.62
N PRO A 197 4.71 -20.15 2.21
CA PRO A 197 4.72 -20.53 0.79
C PRO A 197 3.41 -21.15 0.33
N PHE A 198 3.05 -20.87 -0.92
CA PHE A 198 1.95 -21.53 -1.59
C PHE A 198 2.30 -21.59 -3.08
N VAL A 199 2.27 -22.78 -3.68
CA VAL A 199 2.75 -22.97 -5.05
C VAL A 199 1.59 -23.30 -6.01
N ILE A 200 1.57 -22.61 -7.14
CA ILE A 200 0.67 -22.91 -8.26
C ILE A 200 1.50 -23.07 -9.53
N LYS A 201 0.93 -23.78 -10.49
CA LYS A 201 1.58 -24.04 -11.76
C LYS A 201 0.80 -23.35 -12.86
N HIS A 202 1.50 -22.77 -13.81
CA HIS A 202 0.86 -22.07 -14.91
C HIS A 202 1.78 -22.13 -16.12
N GLU A 203 1.25 -22.66 -17.22
CA GLU A 203 1.96 -22.72 -18.50
C GLU A 203 3.36 -23.32 -18.33
N GLY A 204 3.43 -24.39 -17.55
CA GLY A 204 4.65 -25.15 -17.41
C GLY A 204 5.64 -24.63 -16.39
N LYS A 205 5.38 -23.47 -15.81
CA LYS A 205 6.24 -22.90 -14.77
C LYS A 205 5.54 -22.94 -13.41
N TYR A 206 6.37 -22.79 -12.39
CA TYR A 206 5.92 -22.91 -11.00
C TYR A 206 6.06 -21.55 -10.34
N TYR A 207 5.01 -21.16 -9.59
CA TYR A 207 4.94 -19.86 -8.96
C TYR A 207 4.72 -20.05 -7.47
N MET A 208 5.65 -19.56 -6.67
CA MET A 208 5.57 -19.65 -5.21
C MET A 208 5.22 -18.29 -4.67
N MET A 209 4.01 -18.15 -4.17
CA MET A 209 3.62 -16.98 -3.40
C MET A 209 4.17 -17.15 -1.98
N TYR A 210 4.51 -16.03 -1.34
CA TYR A 210 5.07 -16.07 0.01
C TYR A 210 4.88 -14.70 0.62
N SER A 211 5.08 -14.63 1.94
CA SER A 211 4.97 -13.39 2.68
C SER A 211 6.29 -12.97 3.28
N ALA A 212 6.47 -11.67 3.43
CA ALA A 212 7.69 -11.13 4.04
C ALA A 212 7.33 -9.95 4.94
N ASN A 213 8.33 -9.52 5.71
CA ASN A 213 8.19 -8.56 6.79
C ASN A 213 7.47 -9.18 7.98
N CYS A 214 7.30 -8.41 9.05
CA CYS A 214 6.75 -8.95 10.28
C CYS A 214 5.22 -9.04 10.21
N TYR A 215 4.67 -10.19 10.61
CA TYR A 215 3.21 -10.37 10.59
C TYR A 215 2.45 -9.29 11.37
N ALA A 216 3.09 -8.69 12.37
CA ALA A 216 2.46 -7.69 13.23
C ALA A 216 2.63 -6.26 12.72
N SER A 217 3.23 -6.11 11.54
CA SER A 217 3.43 -4.81 10.91
C SER A 217 2.48 -4.61 9.73
N PRO A 218 2.05 -3.37 9.48
CA PRO A 218 1.26 -3.10 8.27
C PRO A 218 2.01 -3.51 7.00
N ASP A 219 3.33 -3.61 7.07
CA ASP A 219 4.15 -3.92 5.91
C ASP A 219 4.25 -5.40 5.59
N TYR A 220 3.62 -6.26 6.38
CA TYR A 220 3.47 -7.66 5.97
C TYR A 220 2.83 -7.64 4.58
N SER A 221 3.37 -8.42 3.65
CA SER A 221 2.92 -8.36 2.27
C SER A 221 3.38 -9.60 1.51
N ILE A 222 2.78 -9.79 0.34
CA ILE A 222 2.94 -11.00 -0.46
C ILE A 222 3.70 -10.72 -1.73
N GLY A 223 4.69 -11.57 -2.01
CA GLY A 223 5.40 -11.57 -3.27
C GLY A 223 5.35 -12.95 -3.89
N TYR A 224 6.02 -13.11 -5.02
CA TYR A 224 6.21 -14.44 -5.58
C TYR A 224 7.58 -14.63 -6.19
N ALA A 225 7.89 -15.89 -6.42
CA ALA A 225 9.06 -16.33 -7.16
C ALA A 225 8.63 -17.35 -8.19
N VAL A 226 9.46 -17.52 -9.21
CA VAL A 226 9.17 -18.42 -10.32
C VAL A 226 10.30 -19.41 -10.50
N ALA A 227 9.94 -20.64 -10.86
CA ALA A 227 10.89 -21.70 -11.14
C ALA A 227 10.47 -22.53 -12.31
N GLU A 228 11.44 -23.16 -12.95
CA GLU A 228 11.18 -24.09 -14.03
C GLU A 228 10.92 -25.52 -13.55
N THR A 229 11.24 -25.80 -12.30
CA THR A 229 11.04 -27.12 -11.71
C THR A 229 10.79 -26.90 -10.22
N PRO A 230 10.10 -27.84 -9.55
CA PRO A 230 9.69 -27.52 -8.17
C PRO A 230 10.84 -27.33 -7.18
N LEU A 231 11.99 -27.94 -7.43
CA LEU A 231 13.13 -27.77 -6.53
C LEU A 231 13.95 -26.52 -6.83
N GLY A 232 13.51 -25.71 -7.79
CA GLY A 232 14.18 -24.47 -8.12
C GLY A 232 15.20 -24.65 -9.23
N PRO A 233 16.02 -23.62 -9.47
CA PRO A 233 16.10 -22.37 -8.69
C PRO A 233 14.85 -21.51 -8.76
N TRP A 234 14.60 -20.79 -7.67
CA TRP A 234 13.48 -19.91 -7.51
C TRP A 234 13.93 -18.47 -7.62
N ILE A 235 13.38 -17.74 -8.61
CA ILE A 235 13.80 -16.38 -8.92
C ILE A 235 12.63 -15.44 -8.62
N LYS A 236 12.85 -14.50 -7.71
CA LYS A 236 11.79 -13.60 -7.28
C LYS A 236 11.39 -12.63 -8.37
N TYR A 237 10.10 -12.32 -8.40
CA TYR A 237 9.55 -11.29 -9.28
C TYR A 237 10.12 -9.93 -8.91
N SER A 238 10.64 -9.22 -9.90
CA SER A 238 11.27 -7.93 -9.66
CA SER A 238 11.28 -7.94 -9.64
C SER A 238 10.29 -6.88 -9.13
N GLY A 239 9.00 -7.04 -9.46
CA GLY A 239 7.98 -6.10 -9.07
C GLY A 239 7.28 -6.41 -7.76
N ASN A 240 7.81 -7.33 -6.97
CA ASN A 240 7.24 -7.62 -5.67
C ASN A 240 7.21 -6.36 -4.78
N PRO A 241 6.25 -6.29 -3.85
CA PRO A 241 5.19 -7.25 -3.59
C PRO A 241 4.03 -7.11 -4.58
N ILE A 242 3.30 -8.20 -4.76
CA ILE A 242 2.10 -8.20 -5.60
C ILE A 242 0.82 -7.89 -4.81
N LEU A 243 0.88 -7.96 -3.48
CA LEU A 243 -0.27 -7.63 -2.66
C LEU A 243 0.28 -6.97 -1.40
N SER A 244 -0.05 -5.70 -1.22
CA SER A 244 0.49 -4.93 -0.12
C SER A 244 -0.59 -3.98 0.41
N LYS A 245 -0.28 -3.35 1.53
CA LYS A 245 -1.23 -2.57 2.29
C LYS A 245 -1.85 -1.42 1.50
N ARG A 246 -3.05 -1.05 1.95
CA ARG A 246 -3.71 0.19 1.54
C ARG A 246 -4.31 0.79 2.80
N MET A 247 -3.47 1.50 3.54
CA MET A 247 -3.90 2.03 4.83
C MET A 247 -5.02 3.06 4.65
N ASP A 248 -5.08 3.68 3.46
CA ASP A 248 -6.14 4.63 3.14
C ASP A 248 -7.51 3.95 3.00
N LYS A 249 -7.51 2.62 2.92
CA LYS A 249 -8.72 1.82 2.88
C LYS A 249 -8.88 0.94 4.14
N GLY A 250 -8.02 1.11 5.14
CA GLY A 250 -8.07 0.28 6.33
C GLY A 250 -7.56 -1.14 6.11
N ILE A 251 -6.67 -1.30 5.13
CA ILE A 251 -6.15 -2.61 4.76
C ILE A 251 -4.68 -2.68 5.15
N SER A 252 -4.39 -3.46 6.19
CA SER A 252 -3.06 -3.55 6.79
C SER A 252 -2.52 -4.98 6.72
N GLY A 253 -1.27 -5.12 6.29
CA GLY A 253 -0.59 -6.39 6.36
C GLY A 253 -1.18 -7.59 5.63
N PRO A 254 -1.54 -7.44 4.34
CA PRO A 254 -2.09 -8.60 3.64
C PRO A 254 -1.06 -9.73 3.52
N GLY A 255 -1.44 -10.93 3.91
CA GLY A 255 -0.45 -11.98 3.99
C GLY A 255 -0.96 -13.39 4.15
N HIS A 256 0.06 -14.26 4.16
CA HIS A 256 -0.05 -15.72 4.35
C HIS A 256 -1.25 -16.30 3.65
N ASN A 257 -1.12 -16.40 2.33
CA ASN A 257 -2.24 -16.70 1.49
C ASN A 257 -2.32 -18.15 1.02
N SER A 258 -3.52 -18.50 0.56
CA SER A 258 -3.73 -19.66 -0.28
C SER A 258 -4.39 -19.21 -1.58
N VAL A 259 -4.61 -20.16 -2.49
CA VAL A 259 -5.22 -19.89 -3.78
C VAL A 259 -6.27 -20.97 -4.04
N THR A 260 -7.42 -20.57 -4.55
CA THR A 260 -8.45 -21.50 -4.95
C THR A 260 -9.13 -20.97 -6.22
N VAL A 261 -10.15 -21.66 -6.69
CA VAL A 261 -10.85 -21.31 -7.90
C VAL A 261 -12.31 -21.02 -7.58
N SER A 262 -12.95 -20.21 -8.42
CA SER A 262 -14.34 -19.82 -8.24
C SER A 262 -15.27 -21.02 -8.41
N PRO A 263 -16.54 -20.86 -8.01
CA PRO A 263 -17.44 -22.02 -8.10
C PRO A 263 -17.53 -22.63 -9.50
N ASP A 264 -17.48 -21.83 -10.56
CA ASP A 264 -17.58 -22.37 -11.91
C ASP A 264 -16.23 -22.79 -12.49
N GLY A 265 -15.16 -22.69 -11.70
CA GLY A 265 -13.85 -23.12 -12.13
C GLY A 265 -13.11 -22.15 -13.04
N SER A 266 -13.70 -21.00 -13.30
CA SER A 266 -13.20 -20.14 -14.36
C SER A 266 -12.16 -19.09 -13.96
N GLU A 267 -12.01 -18.81 -12.68
CA GLU A 267 -11.10 -17.75 -12.24
C GLU A 267 -10.51 -18.09 -10.88
N LEU A 268 -9.28 -17.64 -10.65
CA LEU A 268 -8.58 -17.86 -9.39
C LEU A 268 -8.83 -16.73 -8.41
N PHE A 269 -8.86 -17.12 -7.13
CA PHE A 269 -8.87 -16.18 -6.01
C PHE A 269 -7.70 -16.47 -5.09
N VAL A 270 -7.05 -15.39 -4.67
CA VAL A 270 -6.15 -15.42 -3.53
C VAL A 270 -6.98 -15.21 -2.26
N VAL A 271 -6.68 -16.02 -1.24
CA VAL A 271 -7.33 -15.95 0.05
C VAL A 271 -6.23 -15.55 1.02
N TYR A 272 -6.40 -14.43 1.72
CA TYR A 272 -5.32 -13.85 2.50
C TYR A 272 -5.88 -13.17 3.75
N HIS A 273 -5.02 -12.99 4.75
CA HIS A 273 -5.45 -12.28 5.93
C HIS A 273 -4.99 -10.83 5.91
N THR A 274 -5.69 -10.01 6.68
CA THR A 274 -5.26 -8.64 7.00
C THR A 274 -5.53 -8.40 8.48
N HIS A 275 -4.97 -7.34 9.04
CA HIS A 275 -5.22 -7.06 10.46
C HIS A 275 -6.66 -6.65 10.67
N THR A 276 -7.27 -7.22 11.71
CA THR A 276 -8.64 -6.88 12.04
C THR A 276 -8.72 -5.41 12.48
N TYR A 277 -7.68 -4.96 13.18
CA TYR A 277 -7.61 -3.61 13.70
C TYR A 277 -6.34 -2.94 13.16
N PRO A 278 -6.45 -2.26 12.01
CA PRO A 278 -5.28 -1.65 11.40
C PRO A 278 -4.64 -0.56 12.24
N ASP A 279 -5.39 0.03 13.18
CA ASP A 279 -4.82 1.08 14.03
C ASP A 279 -3.82 0.57 15.06
N SER A 280 -3.86 -0.73 15.33
CA SER A 280 -2.98 -1.33 16.32
C SER A 280 -2.80 -2.81 16.03
N PRO A 281 -2.07 -3.11 14.95
CA PRO A 281 -1.96 -4.46 14.39
C PRO A 281 -1.35 -5.47 15.35
N GLY A 282 -1.70 -6.73 15.12
CA GLY A 282 -1.16 -7.83 15.88
C GLY A 282 -1.64 -9.15 15.32
N GLY A 283 -1.80 -10.13 16.20
CA GLY A 283 -2.24 -11.46 15.79
C GLY A 283 -3.71 -11.62 15.43
N ASP A 284 -4.53 -10.63 15.72
CA ASP A 284 -5.94 -10.69 15.36
C ASP A 284 -6.08 -10.29 13.90
N ARG A 285 -6.23 -11.28 13.02
CA ARG A 285 -6.39 -11.05 11.60
C ARG A 285 -7.72 -11.60 11.12
N THR A 286 -8.07 -11.25 9.89
CA THR A 286 -9.36 -11.53 9.31
C THR A 286 -9.18 -11.97 7.85
N VAL A 287 -10.17 -12.70 7.33
CA VAL A 287 -10.10 -13.35 6.05
C VAL A 287 -10.60 -12.46 4.91
N ASN A 288 -9.90 -12.52 3.78
CA ASN A 288 -10.20 -11.73 2.58
C ASN A 288 -10.00 -12.58 1.35
N ILE A 289 -10.67 -12.23 0.27
CA ILE A 289 -10.43 -12.82 -1.03
C ILE A 289 -10.26 -11.75 -2.09
N ASP A 290 -9.51 -12.04 -3.13
CA ASP A 290 -9.48 -11.16 -4.29
C ASP A 290 -9.02 -11.93 -5.52
N ARG A 291 -9.29 -11.37 -6.70
CA ARG A 291 -8.98 -12.04 -7.95
C ARG A 291 -7.49 -12.06 -8.22
N LEU A 292 -7.02 -13.23 -8.66
CA LEU A 292 -5.63 -13.52 -8.97
C LEU A 292 -5.58 -13.94 -10.43
N TYR A 293 -4.62 -13.43 -11.19
CA TYR A 293 -4.55 -13.75 -12.63
C TYR A 293 -3.15 -13.53 -13.15
N PHE A 294 -2.87 -14.11 -14.31
CA PHE A 294 -1.61 -13.92 -15.00
C PHE A 294 -1.82 -13.00 -16.21
N GLU A 295 -0.85 -12.12 -16.44
CA GLU A 295 -0.86 -11.24 -17.60
C GLU A 295 0.58 -10.98 -18.00
N ASP A 296 0.93 -11.25 -19.26
CA ASP A 296 2.31 -11.13 -19.72
C ASP A 296 3.30 -11.93 -18.85
N GLY A 297 2.88 -13.06 -18.32
CA GLY A 297 3.75 -13.90 -17.51
C GLY A 297 3.97 -13.40 -16.10
N ILE A 298 3.22 -12.39 -15.72
CA ILE A 298 3.30 -11.80 -14.39
C ILE A 298 2.05 -12.21 -13.63
N LEU A 299 2.26 -12.65 -12.39
CA LEU A 299 1.18 -12.96 -11.48
C LEU A 299 0.70 -11.66 -10.80
N LYS A 300 -0.60 -11.40 -10.88
CA LYS A 300 -1.20 -10.14 -10.42
C LYS A 300 -2.42 -10.40 -9.55
N VAL A 301 -2.67 -9.46 -8.65
CA VAL A 301 -3.88 -9.46 -7.84
C VAL A 301 -4.65 -8.18 -8.10
N LYS A 302 -5.95 -8.29 -8.34
CA LYS A 302 -6.81 -7.14 -8.37
C LYS A 302 -7.19 -6.85 -6.92
N GLY A 303 -6.39 -6.05 -6.23
CA GLY A 303 -6.62 -5.80 -4.83
C GLY A 303 -5.42 -5.18 -4.15
N PRO A 304 -5.47 -5.05 -2.83
CA PRO A 304 -6.56 -5.54 -1.98
C PRO A 304 -7.78 -4.64 -2.02
N THR A 305 -8.97 -5.23 -2.00
CA THR A 305 -10.20 -4.45 -2.07
C THR A 305 -10.94 -4.45 -0.74
N ARG A 306 -11.71 -3.38 -0.54
CA ARG A 306 -12.64 -3.25 0.57
C ARG A 306 -13.90 -2.53 0.13
N SER A 307 -14.33 -2.80 -1.09
CA SER A 307 -15.55 -2.24 -1.64
C SER A 307 -16.22 -3.37 -2.41
N PRO A 308 -17.51 -3.22 -2.74
CA PRO A 308 -18.21 -4.33 -3.39
C PRO A 308 -17.58 -4.78 -4.72
N GLN A 309 -17.36 -6.07 -4.85
CA GLN A 309 -16.76 -6.68 -6.04
C GLN A 309 -17.71 -7.72 -6.59
N PRO A 310 -17.65 -7.98 -7.90
CA PRO A 310 -18.46 -9.07 -8.45
C PRO A 310 -18.17 -10.38 -7.74
N GLY A 311 -19.22 -11.12 -7.42
CA GLY A 311 -19.06 -12.38 -6.72
C GLY A 311 -18.20 -13.36 -7.50
N PRO A 312 -17.51 -14.27 -6.79
CA PRO A 312 -16.75 -15.29 -7.49
C PRO A 312 -17.63 -16.00 -8.53
N ARG A 313 -17.14 -16.14 -9.75
CA ARG A 313 -17.97 -16.59 -10.86
C ARG A 313 -18.56 -17.97 -10.59
N SER A 314 -19.84 -18.07 -10.90
CA SER A 314 -20.63 -19.26 -10.66
C SER A 314 -21.63 -19.44 -11.80
N ASN A 315 -22.04 -20.68 -12.01
CA ASN A 315 -23.07 -20.96 -13.01
C ASN A 315 -24.45 -20.69 -12.44
N ASP B 3 -7.14 39.48 13.13
CA ASP B 3 -6.63 39.21 14.48
C ASP B 3 -5.42 38.27 14.42
N THR B 4 -5.52 37.08 15.03
CA THR B 4 -4.43 36.11 15.02
C THR B 4 -4.88 34.79 14.39
N TYR B 5 -3.93 33.88 14.15
CA TYR B 5 -4.27 32.51 13.79
C TYR B 5 -3.47 31.56 14.65
N THR B 6 -4.01 30.36 14.84
CA THR B 6 -3.30 29.28 15.51
C THR B 6 -3.50 28.02 14.70
N ASN B 7 -2.41 27.45 14.21
CA ASN B 7 -2.50 26.18 13.50
C ASN B 7 -2.94 25.08 14.46
N PRO B 8 -3.67 24.07 13.95
CA PRO B 8 -4.20 23.97 12.58
C PRO B 8 -5.42 24.86 12.43
N VAL B 9 -5.63 25.38 11.22
CA VAL B 9 -6.67 26.37 11.00
C VAL B 9 -7.99 25.78 10.47
N GLY B 10 -9.06 26.52 10.72
CA GLY B 10 -10.34 26.27 10.06
C GLY B 10 -11.22 25.19 10.69
N GLY B 11 -10.73 24.51 11.71
CA GLY B 11 -11.47 23.40 12.28
C GLY B 11 -11.52 22.18 11.37
N ILE B 12 -10.62 22.12 10.39
CA ILE B 12 -10.67 21.08 9.38
C ILE B 12 -9.82 19.88 9.81
N THR B 13 -10.38 18.68 9.67
CA THR B 13 -9.66 17.42 9.83
C THR B 13 -10.06 16.49 8.69
N GLY B 14 -9.40 15.33 8.61
CA GLY B 14 -9.78 14.33 7.64
C GLY B 14 -9.41 14.69 6.20
N ILE B 15 -8.39 15.52 6.03
CA ILE B 15 -7.95 15.93 4.71
C ILE B 15 -6.50 15.56 4.47
N GLY B 16 -6.05 15.80 3.25
CA GLY B 16 -4.66 15.77 2.90
C GLY B 16 -4.42 16.68 1.72
N ASP B 17 -3.16 17.00 1.48
CA ASP B 17 -2.72 17.75 0.30
C ASP B 17 -3.46 19.08 0.05
N PRO B 18 -3.35 20.03 0.99
CA PRO B 18 -4.09 21.30 0.88
C PRO B 18 -3.53 22.33 -0.09
N TYR B 19 -4.34 22.70 -1.05
CA TYR B 19 -3.93 23.63 -2.06
C TYR B 19 -4.80 24.86 -1.93
N VAL B 20 -4.18 26.03 -1.82
CA VAL B 20 -4.91 27.28 -1.74
C VAL B 20 -4.60 28.15 -2.95
N LEU B 21 -5.68 28.63 -3.56
CA LEU B 21 -5.61 29.65 -4.60
C LEU B 21 -6.20 30.94 -4.08
N LYS B 22 -5.46 32.04 -4.21
CA LYS B 22 -6.01 33.37 -3.98
CA LYS B 22 -6.00 33.37 -3.99
C LYS B 22 -6.53 33.89 -5.31
N HIS B 23 -7.78 34.34 -5.31
CA HIS B 23 -8.36 34.97 -6.47
C HIS B 23 -9.15 36.17 -6.03
N GLU B 24 -8.73 37.36 -6.42
CA GLU B 24 -9.48 38.58 -6.10
C GLU B 24 -10.12 38.69 -4.71
N SER B 25 -9.27 38.87 -3.72
CA SER B 25 -9.67 39.10 -2.34
CA SER B 25 -9.67 39.10 -2.34
C SER B 25 -10.26 37.88 -1.63
N ARG B 26 -10.34 36.73 -2.30
CA ARG B 26 -10.79 35.51 -1.63
C ARG B 26 -9.78 34.39 -1.83
N TYR B 27 -9.79 33.46 -0.88
CA TYR B 27 -8.97 32.27 -0.92
C TYR B 27 -9.84 31.03 -1.03
N TYR B 28 -9.37 30.07 -1.80
CA TYR B 28 -10.09 28.83 -2.03
C TYR B 28 -9.15 27.68 -1.74
N LEU B 29 -9.56 26.83 -0.80
CA LEU B 29 -8.83 25.65 -0.39
C LEU B 29 -9.47 24.43 -1.00
N TYR B 30 -8.66 23.61 -1.66
CA TYR B 30 -9.08 22.33 -2.21
C TYR B 30 -8.15 21.29 -1.58
N ALA B 31 -8.67 20.10 -1.30
CA ALA B 31 -7.85 19.07 -0.65
C ALA B 31 -8.37 17.69 -0.98
N THR B 32 -7.49 16.71 -0.80
CA THR B 32 -7.91 15.32 -0.70
C THR B 32 -8.91 15.25 0.44
N SER B 33 -10.09 14.70 0.17
CA SER B 33 -11.22 14.84 1.06
C SER B 33 -12.21 13.68 0.75
N ALA B 34 -13.05 13.86 -0.25
CA ALA B 34 -14.02 12.84 -0.64
C ALA B 34 -13.37 11.82 -1.58
N ILE B 35 -12.52 10.97 -1.02
CA ILE B 35 -11.61 10.15 -1.82
C ILE B 35 -12.31 9.22 -2.80
N ASN B 36 -13.57 8.90 -2.57
CA ASN B 36 -14.31 8.03 -3.48
C ASN B 36 -14.95 8.76 -4.67
N ARG B 37 -14.96 10.10 -4.64
CA ARG B 37 -15.71 10.82 -5.67
C ARG B 37 -15.22 12.18 -6.10
N GLY B 38 -14.45 12.91 -5.29
CA GLY B 38 -14.08 14.24 -5.72
C GLY B 38 -13.45 15.07 -4.63
N PHE B 39 -13.60 16.39 -4.72
CA PHE B 39 -12.86 17.30 -3.85
C PHE B 39 -13.73 18.40 -3.30
N LYS B 40 -13.66 18.55 -1.99
CA LYS B 40 -14.27 19.67 -1.30
C LYS B 40 -13.50 20.96 -1.58
N VAL B 41 -14.23 22.06 -1.50
CA VAL B 41 -13.65 23.41 -1.52
C VAL B 41 -14.17 24.22 -0.33
N TRP B 42 -13.26 24.94 0.31
CA TRP B 42 -13.58 25.88 1.38
C TRP B 42 -13.15 27.27 0.92
N GLU B 43 -13.87 28.30 1.40
CA GLU B 43 -13.59 29.69 1.05
C GLU B 43 -13.21 30.46 2.31
N SER B 44 -12.31 31.43 2.14
CA SER B 44 -11.86 32.29 3.23
C SER B 44 -11.55 33.70 2.74
N PRO B 45 -11.82 34.71 3.58
CA PRO B 45 -11.38 36.07 3.26
C PRO B 45 -9.99 36.39 3.79
N ASN B 46 -9.41 35.53 4.63
CA ASN B 46 -8.23 35.93 5.39
C ASN B 46 -7.18 34.84 5.66
N LEU B 47 -7.40 33.64 5.13
CA LEU B 47 -6.56 32.43 5.30
C LEU B 47 -6.75 31.73 6.63
N VAL B 48 -7.56 32.32 7.50
CA VAL B 48 -7.70 31.84 8.88
C VAL B 48 -9.07 31.19 9.09
N ASP B 49 -10.12 31.86 8.65
CA ASP B 49 -11.49 31.37 8.81
C ASP B 49 -11.97 30.77 7.50
N TRP B 50 -12.47 29.54 7.58
CA TRP B 50 -12.78 28.76 6.38
C TRP B 50 -14.20 28.25 6.43
N GLU B 51 -14.91 28.36 5.31
CA GLU B 51 -16.28 27.90 5.16
C GLU B 51 -16.39 26.84 4.06
N LEU B 52 -16.89 25.66 4.41
CA LEU B 52 -17.07 24.59 3.43
C LEU B 52 -18.17 24.98 2.46
N LYS B 53 -17.88 24.89 1.17
CA LYS B 53 -18.84 25.30 0.15
C LYS B 53 -19.50 24.13 -0.57
N GLY B 54 -18.86 22.97 -0.53
CA GLY B 54 -19.37 21.76 -1.18
C GLY B 54 -18.27 21.09 -1.98
N LEU B 55 -18.67 20.23 -2.92
CA LEU B 55 -17.71 19.58 -3.80
C LEU B 55 -17.45 20.46 -5.02
N ALA B 56 -16.22 20.92 -5.18
CA ALA B 56 -15.84 21.67 -6.35
C ALA B 56 -15.81 20.77 -7.57
N LEU B 57 -15.29 19.56 -7.39
CA LEU B 57 -15.30 18.54 -8.42
C LEU B 57 -15.98 17.31 -7.84
N ASP B 58 -16.95 16.81 -8.60
CA ASP B 58 -17.69 15.61 -8.21
C ASP B 58 -17.72 14.70 -9.42
N SER B 59 -17.17 13.51 -9.31
CA SER B 59 -17.17 12.58 -10.43
C SER B 59 -18.60 12.18 -10.80
N TYR B 60 -19.54 12.33 -9.86
CA TYR B 60 -20.95 12.01 -10.12
C TYR B 60 -21.71 13.13 -10.85
N TYR B 61 -21.10 14.32 -10.98
CA TYR B 61 -21.68 15.38 -11.80
C TYR B 61 -21.83 14.86 -13.23
N GLU B 62 -22.91 15.28 -13.90
CA GLU B 62 -23.26 14.69 -15.19
C GLU B 62 -22.18 14.88 -16.26
N LYS B 63 -21.34 15.90 -16.13
CA LYS B 63 -20.29 16.14 -17.12
C LYS B 63 -19.06 15.25 -16.90
N ASN B 64 -19.01 14.51 -15.79
CA ASN B 64 -17.77 13.85 -15.39
C ASN B 64 -17.80 12.33 -15.57
N GLY B 65 -17.87 11.55 -14.50
CA GLY B 65 -18.00 10.11 -14.62
C GLY B 65 -16.71 9.38 -15.01
N TRP B 66 -15.56 9.98 -14.70
CA TRP B 66 -14.26 9.32 -14.82
C TRP B 66 -13.65 9.21 -13.43
N GLY B 67 -12.95 8.11 -13.20
CA GLY B 67 -12.26 7.87 -11.94
C GLY B 67 -13.08 6.98 -11.04
N THR B 68 -12.48 5.88 -10.57
CA THR B 68 -13.24 4.89 -9.81
C THR B 68 -13.14 5.10 -8.30
N GLU B 69 -12.07 5.75 -7.84
CA GLU B 69 -11.74 5.95 -6.42
C GLU B 69 -10.37 6.65 -6.40
N ASP B 70 -9.84 6.86 -5.20
CA ASP B 70 -8.51 7.43 -5.01
C ASP B 70 -8.39 8.83 -5.64
N PHE B 71 -9.39 9.67 -5.38
CA PHE B 71 -9.35 11.07 -5.85
C PHE B 71 -8.43 11.84 -4.90
N TRP B 72 -7.26 12.23 -5.42
CA TRP B 72 -6.22 12.85 -4.61
C TRP B 72 -5.70 14.18 -5.19
N ALA B 73 -5.32 15.06 -4.27
CA ALA B 73 -4.41 16.19 -4.49
C ALA B 73 -4.80 17.09 -5.66
N PRO B 74 -5.92 17.79 -5.50
CA PRO B 74 -6.38 18.74 -6.51
C PRO B 74 -5.61 20.05 -6.45
N GLU B 75 -5.38 20.67 -7.61
CA GLU B 75 -4.79 22.01 -7.64
C GLU B 75 -5.54 22.82 -8.67
N VAL B 76 -5.71 24.12 -8.41
CA VAL B 76 -6.51 24.98 -9.27
C VAL B 76 -5.73 26.26 -9.59
N ILE B 77 -5.67 26.59 -10.89
CA ILE B 77 -5.08 27.85 -11.32
C ILE B 77 -6.12 28.68 -12.05
N PHE B 78 -5.88 29.99 -12.10
CA PHE B 78 -6.71 30.91 -12.87
C PHE B 78 -5.93 31.26 -14.13
N TYR B 79 -6.46 30.86 -15.28
CA TYR B 79 -5.75 30.91 -16.56
C TYR B 79 -6.81 30.99 -17.66
N ASN B 80 -6.54 31.72 -18.72
N ASN B 80 -6.55 31.80 -18.68
CA ASN B 80 -7.52 31.91 -19.80
CA ASN B 80 -7.49 31.89 -19.78
C ASN B 80 -8.88 32.36 -19.29
C ASN B 80 -8.87 32.29 -19.24
N ASN B 81 -8.87 33.18 -18.24
CA ASN B 81 -10.11 33.72 -17.65
C ASN B 81 -11.07 32.64 -17.12
N LYS B 82 -10.50 31.53 -16.68
CA LYS B 82 -11.29 30.51 -16.02
C LYS B 82 -10.40 29.75 -15.06
N PHE B 83 -10.97 28.74 -14.42
CA PHE B 83 -10.26 27.97 -13.42
C PHE B 83 -9.99 26.57 -13.96
N TYR B 84 -8.74 26.15 -13.91
CA TYR B 84 -8.35 24.80 -14.33
C TYR B 84 -7.92 24.01 -13.11
N MET B 85 -8.49 22.82 -12.97
CA MET B 85 -8.15 21.90 -11.88
C MET B 85 -7.42 20.70 -12.44
N THR B 86 -6.25 20.42 -11.91
CA THR B 86 -5.61 19.12 -12.10
C THR B 86 -5.90 18.28 -10.86
N TYR B 87 -5.98 16.96 -11.07
CA TYR B 87 -6.16 16.02 -9.98
C TYR B 87 -5.78 14.66 -10.49
N SER B 88 -5.75 13.67 -9.61
CA SER B 88 -5.58 12.30 -10.03
C SER B 88 -6.63 11.42 -9.40
N ALA B 89 -6.91 10.32 -10.09
CA ALA B 89 -7.80 9.28 -9.58
C ALA B 89 -7.39 7.96 -10.21
N ARG B 90 -7.93 6.89 -9.68
CA ARG B 90 -7.69 5.56 -10.20
C ARG B 90 -8.59 5.31 -11.42
N ASP B 91 -8.00 5.00 -12.56
CA ASP B 91 -8.78 4.64 -13.73
C ASP B 91 -9.16 3.17 -13.62
N ASN B 92 -10.02 2.70 -14.53
CA ASN B 92 -10.53 1.35 -14.40
C ASN B 92 -9.59 0.26 -14.89
N ASP B 93 -8.39 0.64 -15.31
CA ASP B 93 -7.33 -0.31 -15.60
C ASP B 93 -6.35 -0.44 -14.43
N GLY B 94 -6.68 0.19 -13.31
CA GLY B 94 -5.88 0.06 -12.09
C GLY B 94 -4.74 1.04 -11.95
N HIS B 95 -4.55 1.94 -12.91
CA HIS B 95 -3.49 2.95 -12.82
C HIS B 95 -4.04 4.28 -12.35
N LEU B 96 -3.30 4.96 -11.49
CA LEU B 96 -3.59 6.34 -11.13
C LEU B 96 -3.18 7.23 -12.28
N LYS B 97 -4.06 8.16 -12.66
CA LYS B 97 -3.75 9.06 -13.77
C LYS B 97 -4.16 10.48 -13.42
N ILE B 98 -3.45 11.41 -14.04
CA ILE B 98 -3.78 12.84 -13.96
CA ILE B 98 -3.77 12.82 -13.94
C ILE B 98 -4.92 13.16 -14.89
N ALA B 99 -5.79 14.04 -14.43
CA ALA B 99 -6.92 14.56 -15.19
C ALA B 99 -6.98 16.08 -15.09
N LEU B 100 -7.61 16.69 -16.08
CA LEU B 100 -7.79 18.14 -16.16
C LEU B 100 -9.26 18.46 -16.30
N ALA B 101 -9.72 19.41 -15.48
CA ALA B 101 -11.10 19.89 -15.49
C ALA B 101 -11.10 21.42 -15.46
N SER B 102 -12.22 22.04 -15.80
CA SER B 102 -12.30 23.49 -15.68
C SER B 102 -13.65 23.94 -15.18
N SER B 103 -13.69 25.19 -14.71
CA SER B 103 -14.92 25.82 -14.28
C SER B 103 -14.81 27.32 -14.51
N LYS B 104 -15.95 27.98 -14.69
CA LYS B 104 -15.96 29.44 -14.69
C LYS B 104 -15.83 30.03 -13.28
N SER B 105 -16.04 29.20 -12.26
CA SER B 105 -16.04 29.64 -10.87
C SER B 105 -14.97 28.88 -10.09
N PRO B 106 -14.33 29.54 -9.11
CA PRO B 106 -13.38 28.81 -8.26
C PRO B 106 -14.07 27.76 -7.38
N LEU B 107 -15.38 27.91 -7.19
CA LEU B 107 -16.16 26.95 -6.40
C LEU B 107 -16.70 25.75 -7.19
N GLY B 108 -16.43 25.72 -8.50
CA GLY B 108 -17.01 24.72 -9.35
C GLY B 108 -18.43 25.08 -9.72
N PRO B 109 -19.16 24.15 -10.35
CA PRO B 109 -18.72 22.78 -10.64
C PRO B 109 -17.64 22.72 -11.69
N PHE B 110 -16.64 21.89 -11.43
CA PHE B 110 -15.62 21.62 -12.42
C PHE B 110 -16.08 20.48 -13.32
N LYS B 111 -15.82 20.64 -14.61
CA LYS B 111 -16.13 19.63 -15.61
C LYS B 111 -14.85 19.14 -16.26
N ASN B 112 -14.71 17.84 -16.39
CA ASN B 112 -13.54 17.28 -17.05
C ASN B 112 -13.42 17.80 -18.47
N ILE B 113 -12.20 18.17 -18.84
CA ILE B 113 -11.89 18.52 -20.21
C ILE B 113 -10.88 17.57 -20.84
N LYS B 114 -10.06 16.89 -20.05
CA LYS B 114 -9.26 15.78 -20.56
C LYS B 114 -8.96 14.86 -19.38
N ALA B 115 -9.70 13.77 -19.31
CA ALA B 115 -9.62 12.83 -18.21
C ALA B 115 -9.53 11.41 -18.77
N PRO B 116 -8.33 10.81 -18.77
CA PRO B 116 -7.07 11.32 -18.23
C PRO B 116 -6.41 12.34 -19.14
N LEU B 117 -5.57 13.17 -18.55
CA LEU B 117 -4.81 14.16 -19.32
C LEU B 117 -3.73 13.51 -20.18
N PHE B 118 -3.10 12.46 -19.65
CA PHE B 118 -2.19 11.62 -20.40
C PHE B 118 -2.25 10.23 -19.78
N ASP B 119 -1.81 9.24 -20.55
CA ASP B 119 -1.88 7.84 -20.15
C ASP B 119 -0.63 7.16 -20.66
N ARG B 120 0.17 6.60 -19.75
CA ARG B 120 1.40 5.91 -20.13
C ARG B 120 1.47 4.52 -19.48
N GLY B 121 0.32 3.99 -19.06
CA GLY B 121 0.25 2.64 -18.55
C GLY B 121 0.87 2.48 -17.16
N LEU B 122 1.07 3.59 -16.46
CA LEU B 122 1.65 3.59 -15.13
C LEU B 122 0.90 4.60 -14.27
N SER B 123 1.30 4.75 -13.00
CA SER B 123 0.60 5.64 -12.08
C SER B 123 1.30 6.99 -11.93
N PHE B 124 0.49 8.05 -12.02
CA PHE B 124 0.94 9.42 -11.89
C PHE B 124 -0.02 10.18 -10.97
N ILE B 125 0.56 11.01 -10.12
CA ILE B 125 -0.20 11.84 -9.18
C ILE B 125 0.44 13.22 -9.03
N ASP B 126 -0.23 14.09 -8.27
CA ASP B 126 0.37 15.33 -7.77
C ASP B 126 0.78 16.30 -8.87
N ALA B 127 -0.05 16.41 -9.90
CA ALA B 127 0.22 17.40 -10.94
C ALA B 127 0.19 18.82 -10.34
N HIS B 128 1.04 19.67 -10.89
CA HIS B 128 1.16 21.07 -10.50
C HIS B 128 1.48 21.86 -11.76
N ILE B 129 0.67 22.87 -12.08
CA ILE B 129 0.92 23.71 -13.23
C ILE B 129 1.50 25.04 -12.80
N PHE B 130 2.69 25.34 -13.33
CA PHE B 130 3.39 26.59 -13.12
C PHE B 130 3.31 27.43 -14.40
N ILE B 131 2.81 28.66 -14.28
CA ILE B 131 2.75 29.59 -15.39
C ILE B 131 3.87 30.62 -15.18
N ASP B 132 4.82 30.67 -16.11
CA ASP B 132 5.93 31.60 -16.01
C ASP B 132 5.48 33.03 -16.33
N GLN B 133 6.37 33.99 -16.08
CA GLN B 133 6.02 35.39 -16.25
C GLN B 133 5.63 35.72 -17.69
N ASP B 134 6.21 35.01 -18.65
CA ASP B 134 5.89 35.26 -20.05
C ASP B 134 4.70 34.42 -20.54
N GLY B 135 4.04 33.72 -19.61
CA GLY B 135 2.82 33.01 -19.93
C GLY B 135 3.01 31.55 -20.27
N THR B 136 4.25 31.08 -20.31
CA THR B 136 4.53 29.71 -20.69
C THR B 136 4.11 28.76 -19.56
N PRO B 137 3.28 27.75 -19.86
CA PRO B 137 2.88 26.76 -18.86
C PRO B 137 3.81 25.56 -18.82
N TYR B 138 4.04 25.09 -17.59
CA TYR B 138 4.78 23.86 -17.34
C TYR B 138 3.99 23.01 -16.35
N ILE B 139 3.99 21.70 -16.55
CA ILE B 139 3.42 20.77 -15.59
C ILE B 139 4.52 19.96 -14.93
N TYR B 140 4.45 19.91 -13.60
CA TYR B 140 5.31 19.09 -12.77
C TYR B 140 4.41 17.99 -12.21
N TYR B 141 4.87 16.75 -12.22
CA TYR B 141 4.02 15.66 -11.78
C TYR B 141 4.87 14.51 -11.27
N VAL B 142 4.25 13.61 -10.55
CA VAL B 142 4.94 12.50 -9.90
C VAL B 142 4.65 11.18 -10.60
N LYS B 143 5.70 10.47 -10.95
CA LYS B 143 5.64 9.08 -11.37
C LYS B 143 5.69 8.27 -10.08
N ASP B 144 4.55 7.70 -9.72
CA ASP B 144 4.30 7.22 -8.37
C ASP B 144 4.99 5.89 -8.03
N CYS B 145 5.52 5.83 -6.82
CA CYS B 145 6.21 4.66 -6.31
C CYS B 145 5.45 3.36 -6.41
N SER B 146 4.12 3.39 -6.39
CA SER B 146 3.34 2.16 -6.39
C SER B 146 3.65 1.25 -7.58
N GLU B 147 3.99 1.86 -8.72
CA GLU B 147 4.27 1.13 -9.95
C GLU B 147 5.59 1.53 -10.57
N ASN B 148 6.42 2.25 -9.83
CA ASN B 148 7.71 2.73 -10.34
C ASN B 148 8.82 2.06 -9.53
N ILE B 149 9.22 0.88 -9.97
CA ILE B 149 10.23 0.09 -9.28
C ILE B 149 11.51 0.19 -10.08
N ILE B 150 12.52 0.79 -9.46
CA ILE B 150 13.77 1.10 -10.14
C ILE B 150 14.87 0.47 -9.29
N ASN B 151 15.58 -0.51 -9.86
CA ASN B 151 16.65 -1.17 -9.13
C ASN B 151 16.22 -1.62 -7.74
N GLY B 152 15.06 -2.25 -7.68
CA GLY B 152 14.56 -2.83 -6.44
C GLY B 152 13.83 -1.89 -5.49
N ILE B 153 13.83 -0.59 -5.80
CA ILE B 153 13.26 0.44 -4.93
C ILE B 153 11.97 0.95 -5.54
N HIS B 154 10.92 1.04 -4.73
CA HIS B 154 9.69 1.71 -5.15
C HIS B 154 9.92 3.20 -4.94
N ILE B 155 9.95 3.99 -6.01
CA ILE B 155 10.38 5.39 -5.91
C ILE B 155 9.43 6.33 -6.61
N SER B 156 9.04 7.38 -5.91
CA SER B 156 8.31 8.48 -6.52
C SER B 156 9.29 9.55 -7.00
N GLN B 157 9.20 9.88 -8.30
CA GLN B 157 10.05 10.85 -8.96
C GLN B 157 9.20 11.99 -9.50
N ILE B 158 9.75 13.21 -9.55
CA ILE B 158 9.07 14.35 -10.15
C ILE B 158 9.64 14.63 -11.54
N TYR B 159 8.74 14.69 -12.51
CA TYR B 159 9.04 15.05 -13.89
C TYR B 159 8.42 16.40 -14.24
N VAL B 160 8.91 16.98 -15.32
CA VAL B 160 8.41 18.25 -15.83
C VAL B 160 8.30 18.20 -17.36
N GLN B 161 7.26 18.83 -17.89
CA GLN B 161 7.15 19.13 -19.31
C GLN B 161 6.50 20.48 -19.51
N GLU B 162 6.89 21.18 -20.57
CA GLU B 162 6.13 22.33 -21.03
C GLU B 162 4.78 21.85 -21.54
N MET B 163 3.75 22.67 -21.35
CA MET B 163 2.42 22.37 -21.90
C MET B 163 2.12 23.26 -23.09
N SER B 164 1.14 22.84 -23.89
CA SER B 164 0.59 23.71 -24.91
C SER B 164 -0.18 24.84 -24.25
N GLN B 165 -0.43 25.88 -25.03
CA GLN B 165 -1.07 27.08 -24.52
C GLN B 165 -2.47 26.82 -23.98
N ASP B 166 -3.16 25.83 -24.54
CA ASP B 166 -4.49 25.48 -24.05
C ASP B 166 -4.50 24.46 -22.91
N LEU B 167 -3.30 24.07 -22.45
CA LEU B 167 -3.10 23.12 -21.35
C LEU B 167 -3.53 21.69 -21.66
N LEU B 168 -3.87 21.40 -22.91
CA LEU B 168 -4.43 20.09 -23.25
C LEU B 168 -3.36 19.09 -23.72
N GLU B 169 -2.16 19.57 -24.02
CA GLU B 169 -1.08 18.70 -24.48
C GLU B 169 0.18 18.94 -23.68
N LEU B 170 0.95 17.87 -23.45
CA LEU B 170 2.29 17.92 -22.85
C LEU B 170 3.31 17.83 -23.97
N LYS B 171 4.16 18.85 -24.12
CA LYS B 171 5.11 18.96 -25.23
C LYS B 171 6.42 18.24 -24.96
N GLY B 172 7.03 17.75 -26.03
CA GLY B 172 8.35 17.15 -25.97
C GLY B 172 8.38 15.90 -25.14
N ASP B 173 9.53 15.62 -24.56
CA ASP B 173 9.74 14.42 -23.77
C ASP B 173 9.69 14.75 -22.29
N PRO B 174 9.20 13.81 -21.46
CA PRO B 174 9.26 14.02 -20.01
C PRO B 174 10.71 14.22 -19.59
N VAL B 175 10.95 15.20 -18.73
CA VAL B 175 12.28 15.45 -18.20
C VAL B 175 12.25 15.14 -16.71
N LEU B 176 13.13 14.26 -16.24
CA LEU B 176 13.25 14.03 -14.81
C LEU B 176 13.73 15.33 -14.15
N ALA B 177 13.01 15.76 -13.12
CA ALA B 177 13.40 16.96 -12.36
C ALA B 177 14.20 16.55 -11.13
N ILE B 178 13.56 15.84 -10.20
CA ILE B 178 14.22 15.40 -8.97
C ILE B 178 13.71 14.01 -8.57
N GLN B 179 14.57 13.31 -7.84
CA GLN B 179 14.20 12.06 -7.20
C GLN B 179 15.01 11.98 -5.91
N PRO B 180 14.59 11.10 -4.97
CA PRO B 180 15.30 11.02 -3.69
C PRO B 180 16.81 10.88 -3.88
N SER B 181 17.56 11.75 -3.20
CA SER B 181 18.99 11.85 -3.41
C SER B 181 19.79 12.35 -2.20
N GLN B 182 19.14 13.02 -1.26
CA GLN B 182 19.81 13.59 -0.10
C GLN B 182 19.57 12.72 1.12
N ASP B 183 20.49 12.79 2.08
CA ASP B 183 20.44 11.91 3.22
C ASP B 183 19.15 12.04 4.05
N TRP B 184 18.55 13.23 4.10
CA TRP B 184 17.32 13.41 4.88
C TRP B 184 16.11 12.73 4.24
N GLU B 185 16.26 12.25 3.00
CA GLU B 185 15.15 11.72 2.22
C GLU B 185 15.03 10.18 2.28
N GLY B 186 15.73 9.55 3.21
CA GLY B 186 15.56 8.11 3.45
C GLY B 186 15.95 7.27 2.25
N ILE B 187 17.15 7.52 1.75
CA ILE B 187 17.58 6.96 0.48
C ILE B 187 18.19 5.57 0.59
N ASN B 188 18.11 4.95 1.76
CA ASN B 188 18.46 3.54 1.91
C ASN B 188 17.22 2.65 2.06
N ASP B 189 16.04 3.26 2.03
CA ASP B 189 14.82 2.50 2.28
C ASP B 189 14.24 1.91 1.01
N ALA B 190 13.36 0.93 1.19
CA ALA B 190 12.79 0.20 0.07
C ALA B 190 11.75 1.01 -0.70
N TRP B 191 11.15 1.99 -0.04
CA TRP B 191 10.19 2.90 -0.63
C TRP B 191 10.73 4.30 -0.37
N GLN B 192 10.75 5.14 -1.40
CA GLN B 192 11.35 6.47 -1.34
C GLN B 192 10.51 7.44 -2.13
N TRP B 193 10.40 8.67 -1.64
CA TRP B 193 9.48 9.64 -2.22
C TRP B 193 10.08 11.02 -2.38
N ASN B 194 9.92 11.59 -3.59
CA ASN B 194 9.87 13.04 -3.79
C ASN B 194 8.51 13.29 -4.44
N GLU B 195 7.66 14.09 -3.80
CA GLU B 195 6.31 14.27 -4.30
C GLU B 195 5.81 15.68 -3.93
N GLY B 196 4.58 15.99 -4.32
CA GLY B 196 3.99 17.28 -4.01
C GLY B 196 4.77 18.51 -4.46
N PRO B 197 5.21 18.57 -5.73
CA PRO B 197 5.93 19.76 -6.17
C PRO B 197 5.06 21.01 -6.18
N PHE B 198 5.67 22.14 -5.87
CA PHE B 198 5.07 23.47 -6.04
C PHE B 198 6.19 24.44 -6.40
N VAL B 199 6.05 25.20 -7.49
CA VAL B 199 7.12 26.05 -7.99
C VAL B 199 6.79 27.54 -7.83
N ILE B 200 7.75 28.29 -7.30
CA ILE B 200 7.68 29.75 -7.27
C ILE B 200 8.92 30.33 -7.94
N LYS B 201 8.78 31.56 -8.42
CA LYS B 201 9.88 32.27 -9.07
C LYS B 201 10.29 33.44 -8.21
N HIS B 202 11.59 33.67 -8.09
CA HIS B 202 12.12 34.76 -7.28
C HIS B 202 13.45 35.22 -7.85
N GLU B 203 13.53 36.52 -8.14
CA GLU B 203 14.73 37.13 -8.69
C GLU B 203 15.32 36.33 -9.84
N GLY B 204 14.45 35.88 -10.73
CA GLY B 204 14.89 35.26 -11.97
C GLY B 204 15.15 33.77 -11.89
N LYS B 205 15.17 33.21 -10.68
CA LYS B 205 15.36 31.77 -10.50
C LYS B 205 14.06 31.10 -10.06
N TYR B 206 14.06 29.78 -10.20
CA TYR B 206 12.88 28.98 -9.96
C TYR B 206 13.16 28.06 -8.79
N TYR B 207 12.18 27.97 -7.90
CA TYR B 207 12.30 27.25 -6.64
C TYR B 207 11.16 26.24 -6.57
N MET B 208 11.53 24.96 -6.48
CA MET B 208 10.55 23.88 -6.38
C MET B 208 10.54 23.35 -4.97
N MET B 209 9.45 23.60 -4.25
CA MET B 209 9.22 22.99 -2.95
C MET B 209 8.65 21.59 -3.21
N TYR B 210 9.02 20.64 -2.36
CA TYR B 210 8.55 19.28 -2.53
C TYR B 210 8.63 18.58 -1.17
N SER B 211 7.98 17.43 -1.08
CA SER B 211 7.96 16.63 0.14
C SER B 211 8.68 15.30 -0.08
N ALA B 212 9.30 14.82 0.99
CA ALA B 212 9.98 13.52 0.98
C ALA B 212 9.68 12.75 2.24
N ASN B 213 10.09 11.47 2.23
CA ASN B 213 9.76 10.48 3.24
C ASN B 213 8.29 10.07 3.16
N CYS B 214 7.87 9.17 4.03
CA CYS B 214 6.54 8.61 3.95
C CYS B 214 5.47 9.55 4.51
N TYR B 215 4.35 9.71 3.80
CA TYR B 215 3.27 10.58 4.26
C TYR B 215 2.78 10.22 5.66
N ALA B 216 2.88 8.95 6.05
CA ALA B 216 2.40 8.47 7.35
C ALA B 216 3.43 8.57 8.45
N SER B 217 4.63 9.05 8.13
CA SER B 217 5.72 9.19 9.08
C SER B 217 5.79 10.61 9.62
N PRO B 218 6.18 10.78 10.89
CA PRO B 218 6.47 12.14 11.36
C PRO B 218 7.56 12.83 10.55
N ASP B 219 8.39 12.02 9.88
CA ASP B 219 9.50 12.56 9.10
C ASP B 219 9.13 13.06 7.70
N TYR B 220 7.85 12.96 7.32
CA TYR B 220 7.42 13.66 6.12
C TYR B 220 7.80 15.12 6.30
N SER B 221 8.43 15.71 5.29
CA SER B 221 8.96 17.06 5.42
C SER B 221 9.23 17.67 4.06
N ILE B 222 9.44 18.98 4.07
CA ILE B 222 9.52 19.77 2.85
C ILE B 222 10.94 20.30 2.63
N GLY B 223 11.44 20.11 1.42
CA GLY B 223 12.68 20.72 0.99
C GLY B 223 12.46 21.51 -0.28
N TYR B 224 13.52 22.07 -0.85
CA TYR B 224 13.40 22.68 -2.16
C TYR B 224 14.63 22.45 -3.02
N ALA B 225 14.42 22.72 -4.29
CA ALA B 225 15.47 22.70 -5.30
C ALA B 225 15.39 23.99 -6.11
N VAL B 226 16.48 24.33 -6.77
CA VAL B 226 16.61 25.58 -7.49
C VAL B 226 17.04 25.31 -8.93
N ALA B 227 16.46 26.06 -9.86
CA ALA B 227 16.82 25.95 -11.28
C ALA B 227 16.91 27.33 -11.91
N GLU B 228 17.76 27.44 -12.92
CA GLU B 228 17.89 28.68 -13.67
C GLU B 228 16.76 28.82 -14.70
N THR B 229 16.14 27.70 -15.05
CA THR B 229 15.09 27.65 -16.08
C THR B 229 14.12 26.49 -15.71
N PRO B 230 12.83 26.55 -16.12
CA PRO B 230 11.86 25.60 -15.55
C PRO B 230 12.10 24.11 -15.83
N LEU B 231 12.75 23.77 -16.94
CA LEU B 231 13.04 22.37 -17.25
C LEU B 231 14.28 21.84 -16.53
N GLY B 232 14.92 22.68 -15.72
CA GLY B 232 16.10 22.25 -14.95
C GLY B 232 17.40 22.56 -15.66
N PRO B 233 18.52 22.01 -15.15
CA PRO B 233 18.58 21.11 -13.99
C PRO B 233 18.11 21.73 -12.68
N TRP B 234 17.54 20.86 -11.85
CA TRP B 234 17.04 21.21 -10.54
C TRP B 234 18.04 20.72 -9.48
N ILE B 235 18.58 21.68 -8.71
CA ILE B 235 19.64 21.40 -7.75
C ILE B 235 19.11 21.62 -6.35
N LYS B 236 19.13 20.57 -5.54
CA LYS B 236 18.58 20.67 -4.19
C LYS B 236 19.41 21.56 -3.25
N TYR B 237 18.70 22.25 -2.37
CA TYR B 237 19.32 23.05 -1.33
C TYR B 237 20.03 22.15 -0.30
N SER B 238 21.31 22.45 -0.06
CA SER B 238 22.10 21.62 0.83
C SER B 238 21.54 21.57 2.26
N GLY B 239 20.81 22.61 2.65
CA GLY B 239 20.27 22.70 4.00
C GLY B 239 18.87 22.14 4.15
N ASN B 240 18.40 21.38 3.17
CA ASN B 240 17.10 20.74 3.28
C ASN B 240 17.07 19.80 4.48
N PRO B 241 15.90 19.60 5.10
CA PRO B 241 14.61 20.21 4.75
C PRO B 241 14.44 21.57 5.39
N ILE B 242 13.53 22.36 4.83
CA ILE B 242 13.24 23.69 5.33
C ILE B 242 11.99 23.71 6.23
N LEU B 243 11.20 22.64 6.23
CA LEU B 243 10.04 22.56 7.11
C LEU B 243 9.91 21.12 7.56
N SER B 244 10.07 20.91 8.86
CA SER B 244 10.09 19.58 9.44
C SER B 244 9.40 19.57 10.79
N LYS B 245 9.21 18.35 11.30
CA LYS B 245 8.43 18.10 12.50
C LYS B 245 8.92 18.84 13.73
N ARG B 246 7.98 19.07 14.65
CA ARG B 246 8.29 19.49 16.01
C ARG B 246 7.40 18.66 16.92
N MET B 247 7.85 17.46 17.25
CA MET B 247 7.00 16.52 17.97
C MET B 247 6.72 17.01 19.38
N ASP B 248 7.61 17.84 19.90
CA ASP B 248 7.39 18.44 21.22
C ASP B 248 6.18 19.38 21.22
N LYS B 249 5.79 19.84 20.04
CA LYS B 249 4.65 20.74 19.87
C LYS B 249 3.46 20.02 19.24
N GLY B 250 3.57 18.71 19.06
CA GLY B 250 2.52 17.95 18.41
C GLY B 250 2.39 18.22 16.92
N ILE B 251 3.49 18.63 16.29
CA ILE B 251 3.54 18.91 14.85
C ILE B 251 4.30 17.80 14.14
N SER B 252 3.55 16.96 13.42
CA SER B 252 4.08 15.76 12.80
C SER B 252 3.90 15.79 11.28
N GLY B 253 4.97 15.51 10.55
CA GLY B 253 4.89 15.32 9.11
C GLY B 253 4.41 16.50 8.28
N PRO B 254 5.00 17.70 8.45
CA PRO B 254 4.55 18.83 7.62
C PRO B 254 4.86 18.63 6.14
N GLY B 255 3.86 18.74 5.28
CA GLY B 255 4.08 18.40 3.89
C GLY B 255 3.00 18.80 2.93
N HIS B 256 3.30 18.42 1.68
CA HIS B 256 2.49 18.62 0.50
C HIS B 256 1.89 20.00 0.49
N ASN B 257 2.76 20.97 0.23
CA ASN B 257 2.40 22.36 0.40
C ASN B 257 2.00 23.08 -0.87
N SER B 258 1.31 24.18 -0.66
CA SER B 258 1.12 25.19 -1.68
C SER B 258 1.65 26.52 -1.11
N VAL B 259 1.65 27.56 -1.94
CA VAL B 259 2.13 28.88 -1.54
C VAL B 259 1.11 29.91 -2.00
N THR B 260 0.81 30.87 -1.15
CA THR B 260 -0.06 31.97 -1.49
C THR B 260 0.46 33.23 -0.82
N VAL B 261 -0.29 34.32 -0.93
CA VAL B 261 0.13 35.59 -0.37
C VAL B 261 -0.94 36.11 0.58
N SER B 262 -0.53 36.98 1.50
CA SER B 262 -1.43 37.60 2.46
C SER B 262 -2.43 38.51 1.75
N PRO B 263 -3.49 38.93 2.48
CA PRO B 263 -4.50 39.76 1.82
C PRO B 263 -3.94 41.03 1.20
N ASP B 264 -2.93 41.65 1.80
CA ASP B 264 -2.36 42.87 1.23
C ASP B 264 -1.24 42.61 0.20
N GLY B 265 -0.95 41.34 -0.08
CA GLY B 265 0.03 40.97 -1.08
C GLY B 265 1.49 41.00 -0.62
N SER B 266 1.73 41.40 0.62
CA SER B 266 3.09 41.73 1.04
C SER B 266 3.92 40.56 1.56
N GLU B 267 3.29 39.48 2.00
CA GLU B 267 4.05 38.36 2.56
C GLU B 267 3.52 37.04 2.03
N LEU B 268 4.44 36.11 1.80
CA LEU B 268 4.10 34.79 1.34
C LEU B 268 3.75 33.89 2.53
N PHE B 269 2.80 32.99 2.29
CA PHE B 269 2.48 31.92 3.23
C PHE B 269 2.59 30.57 2.56
N VAL B 270 3.24 29.64 3.25
CA VAL B 270 3.17 28.24 2.89
C VAL B 270 1.95 27.64 3.58
N VAL B 271 1.22 26.83 2.83
CA VAL B 271 0.04 26.12 3.33
C VAL B 271 0.38 24.64 3.25
N TYR B 272 0.24 23.91 4.35
CA TYR B 272 0.75 22.55 4.40
C TYR B 272 -0.09 21.72 5.35
N HIS B 273 -0.01 20.40 5.23
CA HIS B 273 -0.69 19.51 6.16
C HIS B 273 0.21 18.98 7.23
N THR B 274 -0.40 18.58 8.37
CA THR B 274 0.27 17.84 9.42
C THR B 274 -0.70 16.78 9.94
N HIS B 275 -0.19 15.78 10.63
CA HIS B 275 -1.06 14.72 11.13
C HIS B 275 -2.02 15.23 12.19
N THR B 276 -3.29 14.84 12.08
CA THR B 276 -4.25 15.18 13.12
C THR B 276 -3.90 14.52 14.45
N TYR B 277 -3.36 13.31 14.37
CA TYR B 277 -3.00 12.52 15.55
C TYR B 277 -1.51 12.21 15.48
N PRO B 278 -0.67 13.11 16.03
CA PRO B 278 0.77 12.89 15.90
C PRO B 278 1.26 11.62 16.59
N ASP B 279 0.52 11.09 17.57
CA ASP B 279 0.93 9.85 18.23
C ASP B 279 0.58 8.60 17.41
N SER B 280 -0.31 8.74 16.44
CA SER B 280 -0.71 7.62 15.58
C SER B 280 -0.99 8.14 14.18
N PRO B 281 0.06 8.58 13.48
CA PRO B 281 -0.06 9.30 12.22
C PRO B 281 -0.61 8.44 11.09
N GLY B 282 -1.33 9.10 10.19
CA GLY B 282 -1.88 8.46 9.01
C GLY B 282 -2.47 9.51 8.09
N GLY B 283 -3.48 9.08 7.33
CA GLY B 283 -4.08 9.96 6.34
C GLY B 283 -4.92 11.09 6.89
N ASP B 284 -5.38 10.99 8.12
CA ASP B 284 -6.15 12.06 8.73
C ASP B 284 -5.23 13.23 9.05
N ARG B 285 -5.32 14.30 8.27
CA ARG B 285 -4.44 15.45 8.42
C ARG B 285 -5.24 16.75 8.46
N THR B 286 -4.52 17.81 8.84
CA THR B 286 -5.06 19.15 9.07
C THR B 286 -4.42 20.15 8.14
N VAL B 287 -4.96 21.37 8.14
CA VAL B 287 -4.48 22.47 7.31
C VAL B 287 -3.75 23.49 8.18
N ASN B 288 -2.60 23.96 7.70
CA ASN B 288 -1.72 24.85 8.46
C ASN B 288 -1.14 25.89 7.55
N ILE B 289 -0.86 27.08 8.09
CA ILE B 289 -0.21 28.13 7.33
C ILE B 289 0.98 28.67 8.13
N ASP B 290 1.99 29.17 7.44
CA ASP B 290 3.09 29.85 8.12
C ASP B 290 3.83 30.72 7.12
N ARG B 291 4.54 31.71 7.64
CA ARG B 291 5.26 32.66 6.79
C ARG B 291 6.47 32.03 6.10
N LEU B 292 6.56 32.34 4.81
CA LEU B 292 7.59 31.86 3.91
C LEU B 292 8.34 33.08 3.38
N TYR B 293 9.66 33.04 3.33
CA TYR B 293 10.43 34.20 2.90
C TYR B 293 11.81 33.81 2.38
N PHE B 294 12.38 34.68 1.57
CA PHE B 294 13.76 34.54 1.10
C PHE B 294 14.66 35.44 1.92
N GLU B 295 15.83 34.92 2.29
CA GLU B 295 16.84 35.69 3.01
C GLU B 295 18.21 35.16 2.64
N ASP B 296 19.08 36.07 2.19
CA ASP B 296 20.43 35.71 1.76
C ASP B 296 20.38 34.59 0.72
N GLY B 297 19.38 34.64 -0.16
CA GLY B 297 19.25 33.68 -1.25
C GLY B 297 18.68 32.32 -0.85
N ILE B 298 18.28 32.19 0.41
CA ILE B 298 17.78 30.94 0.97
C ILE B 298 16.28 31.06 1.22
N LEU B 299 15.53 30.01 0.86
CA LEU B 299 14.10 29.97 1.15
C LEU B 299 13.88 29.40 2.55
N LYS B 300 13.12 30.12 3.37
CA LYS B 300 12.94 29.79 4.77
C LYS B 300 11.48 29.86 5.18
N VAL B 301 11.12 29.08 6.20
CA VAL B 301 9.80 29.12 6.82
C VAL B 301 9.96 29.51 8.27
N LYS B 302 9.16 30.49 8.71
CA LYS B 302 9.03 30.77 10.12
C LYS B 302 8.02 29.79 10.69
N GLY B 303 8.53 28.69 11.22
CA GLY B 303 7.65 27.62 11.66
C GLY B 303 8.35 26.28 11.67
N PRO B 304 7.57 25.21 11.82
CA PRO B 304 6.11 25.21 11.91
C PRO B 304 5.63 25.71 13.28
N THR B 305 4.50 26.40 13.28
CA THR B 305 3.94 26.92 14.52
C THR B 305 2.63 26.21 14.88
N ARG B 306 2.33 26.14 16.18
CA ARG B 306 1.02 25.72 16.68
C ARG B 306 0.70 26.58 17.91
N SER B 307 1.01 27.87 17.82
CA SER B 307 0.71 28.86 18.84
C SER B 307 0.19 30.10 18.13
N PRO B 308 -0.51 31.00 18.85
CA PRO B 308 -1.08 32.16 18.16
C PRO B 308 -0.04 33.04 17.50
N GLN B 309 -0.28 33.36 16.24
CA GLN B 309 0.61 34.14 15.38
C GLN B 309 -0.14 35.37 14.86
N PRO B 310 0.58 36.44 14.52
CA PRO B 310 -0.06 37.57 13.85
C PRO B 310 -0.79 37.13 12.58
N GLY B 311 -1.99 37.65 12.37
CA GLY B 311 -2.75 37.29 11.19
C GLY B 311 -2.01 37.68 9.91
N PRO B 312 -2.28 36.96 8.81
CA PRO B 312 -1.68 37.33 7.53
C PRO B 312 -1.93 38.82 7.24
N ARG B 313 -0.89 39.56 6.81
CA ARG B 313 -0.98 41.01 6.76
C ARG B 313 -2.07 41.48 5.81
N SER B 314 -2.88 42.42 6.29
CA SER B 314 -3.99 42.95 5.52
C SER B 314 -4.01 44.47 5.59
N ASN B 315 -4.76 45.09 4.68
CA ASN B 315 -4.90 46.54 4.58
C ASN B 315 -6.05 47.09 5.43
#